data_1E5P
#
_entry.id   1E5P
#
_cell.length_a   64.050
_cell.length_b   48.920
_cell.length_c   123.547
_cell.angle_alpha   90.00
_cell.angle_beta   102.63
_cell.angle_gamma   90.00
#
_symmetry.space_group_name_H-M   'P 1 21 1'
#
loop_
_entity.id
_entity.type
_entity.pdbx_description
1 polymer APHRODISIN
2 water water
#
_entity_poly.entity_id   1
_entity_poly.type   'polypeptide(L)'
_entity_poly.pdbx_seq_one_letter_code
;QDFAELQGKWYTIVIAADNLEKIEEGGPLRFYFRHIDCYKNCSE(MSE)EITFYVITNNQCSKTTVIGYLKGNGTYETQF
EGNNIFQPLYITSDKIFFTNKN(MSE)DRAGQETN(MSE)IVVAGKGNALTPEENEILVQFAHEKKIPVENILNILATDT
CPE
;
_entity_poly.pdbx_strand_id   A,B,C,D
#
# COMPACT_ATOMS: atom_id res chain seq x y z
N PHE A 3 -19.07 4.89 -3.35
CA PHE A 3 -20.22 4.02 -2.94
C PHE A 3 -21.49 4.43 -3.65
N ALA A 4 -21.39 5.49 -4.46
CA ALA A 4 -22.56 5.96 -5.23
C ALA A 4 -22.96 4.96 -6.31
N GLU A 5 -22.08 4.02 -6.62
CA GLU A 5 -22.27 2.96 -7.59
C GLU A 5 -23.18 1.86 -7.04
N LEU A 6 -23.62 2.03 -5.81
CA LEU A 6 -24.49 1.08 -5.14
C LEU A 6 -25.95 1.27 -5.51
N GLN A 7 -26.36 2.44 -5.95
CA GLN A 7 -27.75 2.75 -6.28
C GLN A 7 -28.36 1.97 -7.43
N GLY A 8 -29.58 1.43 -7.26
CA GLY A 8 -30.30 0.72 -8.29
C GLY A 8 -30.97 -0.58 -7.86
N LYS A 9 -31.54 -1.28 -8.83
CA LYS A 9 -32.22 -2.55 -8.60
C LYS A 9 -31.16 -3.65 -8.46
N TRP A 10 -31.33 -4.50 -7.44
CA TRP A 10 -30.38 -5.58 -7.19
C TRP A 10 -31.14 -6.79 -6.60
N TYR A 11 -30.58 -7.96 -6.86
CA TYR A 11 -31.09 -9.21 -6.31
C TYR A 11 -29.95 -9.91 -5.56
N THR A 12 -30.30 -10.73 -4.56
CA THR A 12 -29.25 -11.53 -3.89
C THR A 12 -28.95 -12.74 -4.76
N ILE A 13 -27.68 -12.87 -5.15
CA ILE A 13 -27.32 -14.03 -5.98
C ILE A 13 -26.79 -15.14 -5.07
N VAL A 14 -25.83 -14.81 -4.22
CA VAL A 14 -25.24 -15.82 -3.32
C VAL A 14 -25.00 -15.18 -1.96
N ILE A 15 -25.05 -15.98 -0.89
CA ILE A 15 -24.69 -15.55 0.43
C ILE A 15 -23.79 -16.65 1.05
N ALA A 16 -22.70 -16.27 1.64
CA ALA A 16 -21.82 -17.23 2.34
C ALA A 16 -21.71 -16.80 3.79
N ALA A 17 -21.71 -17.72 4.75
CA ALA A 17 -21.59 -17.30 6.15
C ALA A 17 -20.86 -18.38 6.96
N ASP A 18 -20.20 -17.93 8.01
CA ASP A 18 -19.51 -18.92 8.89
C ASP A 18 -20.51 -19.68 9.73
N ASN A 19 -21.65 -19.12 10.09
CA ASN A 19 -22.71 -19.82 10.85
C ASN A 19 -23.78 -20.13 9.83
N LEU A 20 -23.72 -21.33 9.25
CA LEU A 20 -24.58 -21.66 8.10
C LEU A 20 -26.05 -21.59 8.38
N GLU A 21 -26.49 -21.94 9.60
CA GLU A 21 -27.90 -21.94 9.89
C GLU A 21 -28.52 -20.54 9.75
N LYS A 22 -27.70 -19.49 9.87
CA LYS A 22 -28.24 -18.14 9.74
C LYS A 22 -28.75 -17.81 8.34
N ILE A 23 -28.23 -18.50 7.33
CA ILE A 23 -28.54 -18.18 5.93
C ILE A 23 -29.27 -19.27 5.18
N GLU A 24 -29.48 -20.41 5.86
CA GLU A 24 -30.31 -21.44 5.18
C GLU A 24 -31.78 -21.02 5.23
N GLU A 25 -32.63 -21.78 4.53
CA GLU A 25 -34.07 -21.51 4.60
C GLU A 25 -34.47 -21.50 6.09
N GLY A 26 -35.22 -20.50 6.49
CA GLY A 26 -35.65 -20.34 7.85
C GLY A 26 -34.75 -19.45 8.69
N GLY A 27 -33.55 -19.17 8.15
CA GLY A 27 -32.57 -18.38 8.88
C GLY A 27 -32.87 -16.90 8.77
N PRO A 28 -32.52 -16.14 9.81
CA PRO A 28 -32.84 -14.73 9.86
C PRO A 28 -32.03 -13.84 8.93
N LEU A 29 -30.91 -14.34 8.42
CA LEU A 29 -30.04 -13.51 7.57
C LEU A 29 -30.10 -13.92 6.10
N ARG A 30 -31.11 -14.73 5.75
CA ARG A 30 -31.29 -15.12 4.35
C ARG A 30 -32.21 -14.06 3.72
N PHE A 31 -31.59 -13.10 3.04
CA PHE A 31 -32.43 -12.01 2.53
C PHE A 31 -32.24 -11.87 1.03
N TYR A 32 -33.33 -11.38 0.45
CA TYR A 32 -33.45 -11.24 -0.98
C TYR A 32 -33.53 -9.76 -1.36
N PHE A 33 -32.38 -9.23 -1.83
CA PHE A 33 -32.39 -7.82 -2.22
C PHE A 33 -33.47 -7.49 -3.26
N ARG A 34 -33.90 -6.22 -3.23
CA ARG A 34 -34.73 -5.67 -4.29
C ARG A 34 -34.15 -4.33 -4.77
N HIS A 35 -33.59 -3.51 -3.89
CA HIS A 35 -33.14 -2.19 -4.38
C HIS A 35 -32.26 -1.52 -3.35
N ILE A 36 -31.38 -0.62 -3.80
CA ILE A 36 -30.57 0.17 -2.91
C ILE A 36 -30.73 1.63 -3.38
N ASP A 37 -31.05 2.50 -2.44
CA ASP A 37 -31.16 3.94 -2.79
C ASP A 37 -30.11 4.65 -1.95
N CYS A 38 -29.33 5.52 -2.58
CA CYS A 38 -28.28 6.25 -1.88
C CYS A 38 -28.67 7.71 -1.64
N TYR A 39 -28.37 8.19 -0.45
CA TYR A 39 -28.61 9.59 -0.10
C TYR A 39 -27.34 10.23 0.43
N LYS A 40 -27.16 11.52 0.16
CA LYS A 40 -26.02 12.29 0.68
C LYS A 40 -24.70 11.61 0.31
N ASN A 41 -24.34 11.54 -0.98
CA ASN A 41 -23.16 10.87 -1.53
C ASN A 41 -23.01 9.48 -0.91
N CYS A 42 -24.07 8.73 -0.91
CA CYS A 42 -24.30 7.43 -0.37
C CYS A 42 -23.87 7.27 1.08
N SER A 43 -23.92 8.32 1.90
CA SER A 43 -23.61 8.19 3.33
C SER A 43 -24.82 7.59 4.08
N GLU A 44 -25.96 7.57 3.43
CA GLU A 44 -27.15 6.87 3.97
C GLU A 44 -27.55 5.90 2.85
N MSE A 45 -27.66 4.60 3.09
CA MSE A 45 -27.92 3.63 2.00
C MSE A 45 -29.20 2.88 2.42
O MSE A 45 -29.10 2.11 3.38
CB MSE A 45 -26.77 2.64 1.78
CG MSE A 45 -27.00 1.36 1.02
SE MSE A 45 -25.65 0.21 0.58
CE MSE A 45 -24.40 0.75 1.74
N GLU A 46 -30.32 3.21 1.78
CA GLU A 46 -31.54 2.50 2.10
C GLU A 46 -31.60 1.19 1.33
N ILE A 47 -31.85 0.10 2.03
CA ILE A 47 -31.87 -1.21 1.35
C ILE A 47 -33.29 -1.75 1.44
N THR A 48 -33.83 -2.13 0.29
CA THR A 48 -35.20 -2.72 0.26
C THR A 48 -34.99 -4.21 -0.09
N PHE A 49 -35.63 -5.06 0.69
CA PHE A 49 -35.39 -6.49 0.49
C PHE A 49 -36.55 -7.29 1.07
N TYR A 50 -36.57 -8.57 0.69
CA TYR A 50 -37.55 -9.47 1.27
C TYR A 50 -36.84 -10.48 2.19
N VAL A 51 -37.55 -10.84 3.24
CA VAL A 51 -37.17 -12.00 4.06
C VAL A 51 -38.46 -12.82 4.26
N ILE A 52 -38.32 -14.12 4.53
CA ILE A 52 -39.52 -14.90 4.85
C ILE A 52 -39.64 -14.94 6.37
N THR A 53 -40.76 -14.48 6.87
CA THR A 53 -41.02 -14.47 8.32
C THR A 53 -42.40 -15.07 8.54
N ASN A 54 -42.51 -16.04 9.45
CA ASN A 54 -43.81 -16.70 9.71
C ASN A 54 -44.40 -17.26 8.41
N ASN A 55 -43.54 -17.85 7.61
CA ASN A 55 -43.81 -18.44 6.32
C ASN A 55 -44.45 -17.50 5.31
N GLN A 56 -44.20 -16.18 5.44
CA GLN A 56 -44.77 -15.26 4.45
C GLN A 56 -43.68 -14.29 3.98
N CYS A 57 -43.79 -13.84 2.74
CA CYS A 57 -42.84 -12.85 2.22
C CYS A 57 -43.07 -11.54 2.97
N SER A 58 -41.99 -10.96 3.47
CA SER A 58 -42.09 -9.72 4.25
C SER A 58 -41.14 -8.68 3.63
N LYS A 59 -41.75 -7.75 2.92
CA LYS A 59 -40.96 -6.68 2.26
C LYS A 59 -40.51 -5.72 3.34
N THR A 60 -39.23 -5.35 3.31
CA THR A 60 -38.60 -4.61 4.37
C THR A 60 -37.67 -3.52 3.86
N THR A 61 -37.59 -2.42 4.64
CA THR A 61 -36.58 -1.41 4.33
C THR A 61 -35.77 -1.16 5.60
N VAL A 62 -34.46 -1.00 5.45
CA VAL A 62 -33.59 -0.61 6.54
C VAL A 62 -32.64 0.47 5.98
N ILE A 63 -32.05 1.25 6.87
CA ILE A 63 -31.09 2.26 6.45
C ILE A 63 -29.70 1.94 6.98
N GLY A 64 -28.71 1.94 6.10
CA GLY A 64 -27.32 1.75 6.51
C GLY A 64 -26.68 3.16 6.62
N TYR A 65 -25.97 3.38 7.69
CA TYR A 65 -25.37 4.68 7.97
C TYR A 65 -23.85 4.54 7.89
N LEU A 66 -23.23 5.31 7.01
CA LEU A 66 -21.79 5.28 6.79
C LEU A 66 -21.05 5.93 7.96
N LYS A 67 -20.00 5.27 8.43
CA LYS A 67 -19.21 5.74 9.55
C LYS A 67 -17.85 6.23 9.06
N GLY A 68 -17.08 6.84 9.94
CA GLY A 68 -15.78 7.39 9.55
C GLY A 68 -14.82 6.32 9.05
N ASN A 69 -14.96 5.09 9.57
CA ASN A 69 -14.10 3.97 9.20
C ASN A 69 -14.47 3.37 7.85
N GLY A 70 -15.49 3.91 7.16
CA GLY A 70 -15.87 3.48 5.85
C GLY A 70 -16.81 2.29 5.79
N THR A 71 -17.33 1.92 6.96
CA THR A 71 -18.33 0.85 7.01
C THR A 71 -19.70 1.48 7.20
N TYR A 72 -20.72 0.68 6.90
CA TYR A 72 -22.11 1.04 7.12
C TYR A 72 -22.65 0.21 8.31
N GLU A 73 -23.44 0.83 9.15
CA GLU A 73 -24.10 0.15 10.25
C GLU A 73 -25.61 0.22 10.05
N THR A 74 -26.28 -0.89 10.31
CA THR A 74 -27.72 -1.01 10.24
C THR A 74 -28.23 -2.01 11.29
N GLN A 75 -29.40 -1.71 11.83
CA GLN A 75 -30.02 -2.60 12.80
C GLN A 75 -31.02 -3.49 12.07
N PHE A 76 -30.77 -4.81 12.09
CA PHE A 76 -31.70 -5.76 11.47
C PHE A 76 -31.28 -7.16 11.97
N GLU A 77 -32.13 -7.79 12.76
CA GLU A 77 -31.75 -9.10 13.29
C GLU A 77 -30.44 -8.98 14.06
N GLY A 78 -30.32 -7.90 14.83
CA GLY A 78 -29.08 -7.60 15.54
C GLY A 78 -28.39 -6.39 14.88
N ASN A 79 -27.11 -6.25 15.23
CA ASN A 79 -26.36 -5.08 14.69
C ASN A 79 -25.52 -5.56 13.53
N ASN A 80 -25.56 -4.85 12.40
CA ASN A 80 -24.80 -5.23 11.22
C ASN A 80 -23.74 -4.18 10.87
N ILE A 81 -22.57 -4.65 10.47
CA ILE A 81 -21.47 -3.72 10.07
C ILE A 81 -21.07 -4.24 8.69
N PHE A 82 -21.34 -3.45 7.63
CA PHE A 82 -21.07 -3.98 6.30
C PHE A 82 -20.37 -2.98 5.39
N GLN A 83 -19.80 -3.52 4.32
CA GLN A 83 -19.19 -2.60 3.33
C GLN A 83 -18.93 -3.37 2.06
N PRO A 84 -18.91 -2.67 0.92
CA PRO A 84 -18.60 -3.29 -0.33
C PRO A 84 -17.15 -3.77 -0.32
N LEU A 85 -16.89 -4.95 -0.81
CA LEU A 85 -15.52 -5.45 -0.99
C LEU A 85 -15.07 -5.17 -2.44
N TYR A 86 -16.04 -5.22 -3.35
CA TYR A 86 -15.75 -5.05 -4.77
C TYR A 86 -17.01 -4.75 -5.54
N ILE A 87 -16.97 -3.72 -6.41
CA ILE A 87 -18.15 -3.33 -7.15
C ILE A 87 -17.89 -3.34 -8.66
N THR A 88 -18.82 -3.87 -9.41
CA THR A 88 -18.81 -3.87 -10.86
C THR A 88 -20.18 -3.31 -11.28
N SER A 89 -20.41 -3.16 -12.59
CA SER A 89 -21.72 -2.60 -12.98
C SER A 89 -22.86 -3.57 -12.77
N ASP A 90 -22.60 -4.88 -12.75
CA ASP A 90 -23.66 -5.86 -12.59
C ASP A 90 -23.54 -6.63 -11.28
N LYS A 91 -22.54 -6.36 -10.46
CA LYS A 91 -22.41 -7.08 -9.19
C LYS A 91 -21.80 -6.27 -8.08
N ILE A 92 -22.25 -6.57 -6.84
CA ILE A 92 -21.65 -5.96 -5.67
C ILE A 92 -21.27 -7.11 -4.71
N PHE A 93 -20.02 -7.18 -4.32
CA PHE A 93 -19.61 -8.19 -3.30
C PHE A 93 -19.50 -7.44 -1.97
N PHE A 94 -20.33 -7.76 -0.99
CA PHE A 94 -20.29 -7.10 0.30
C PHE A 94 -19.76 -8.05 1.40
N THR A 95 -19.14 -7.47 2.41
CA THR A 95 -18.80 -8.24 3.62
C THR A 95 -19.76 -7.72 4.69
N ASN A 96 -20.30 -8.57 5.55
CA ASN A 96 -21.17 -8.09 6.64
C ASN A 96 -20.84 -8.90 7.90
N LYS A 97 -20.80 -8.23 8.98
CA LYS A 97 -20.66 -8.85 10.30
C LYS A 97 -21.91 -8.57 11.13
N ASN A 98 -22.66 -9.61 11.46
CA ASN A 98 -23.91 -9.48 12.21
C ASN A 98 -23.70 -9.89 13.66
N MSE A 99 -24.13 -9.09 14.62
CA MSE A 99 -24.04 -9.46 16.04
C MSE A 99 -25.50 -9.57 16.45
O MSE A 99 -26.22 -8.58 16.57
CB MSE A 99 -23.27 -8.48 16.93
CG MSE A 99 -23.60 -8.43 18.41
CG MSE A 99 -22.95 -9.09 18.32
SE MSE A 99 -22.66 -7.16 19.32
SE MSE A 99 -22.18 -7.93 19.49
CE MSE A 99 -23.23 -5.67 18.51
CE MSE A 99 -23.26 -6.51 19.34
N ASP A 100 -25.96 -10.81 16.68
CA ASP A 100 -27.39 -10.98 17.02
C ASP A 100 -27.69 -10.58 18.45
N ARG A 101 -28.96 -10.69 18.85
CA ARG A 101 -29.35 -10.23 20.19
C ARG A 101 -28.83 -11.09 21.32
N ALA A 102 -28.30 -12.27 21.04
CA ALA A 102 -27.68 -13.13 22.05
C ALA A 102 -26.18 -12.82 22.17
N GLY A 103 -25.65 -12.03 21.23
CA GLY A 103 -24.22 -11.72 21.19
C GLY A 103 -23.43 -12.58 20.24
N GLN A 104 -24.09 -13.45 19.47
CA GLN A 104 -23.38 -14.32 18.54
C GLN A 104 -22.95 -13.53 17.31
N GLU A 105 -21.69 -13.63 16.90
CA GLU A 105 -21.23 -12.93 15.70
C GLU A 105 -21.25 -13.85 14.50
N THR A 106 -21.71 -13.35 13.35
CA THR A 106 -21.72 -14.13 12.10
C THR A 106 -21.01 -13.30 11.02
N ASN A 107 -20.02 -13.85 10.36
CA ASN A 107 -19.28 -13.19 9.28
C ASN A 107 -19.87 -13.71 7.96
N MSE A 108 -20.18 -12.79 7.06
CA MSE A 108 -20.87 -13.15 5.84
C MSE A 108 -20.31 -12.41 4.61
O MSE A 108 -19.69 -11.35 4.76
CB MSE A 108 -22.36 -12.68 5.88
CG MSE A 108 -23.20 -12.94 7.05
SE MSE A 108 -24.79 -12.07 7.15
CE MSE A 108 -25.50 -12.38 5.53
N ILE A 109 -20.53 -13.04 3.48
CA ILE A 109 -20.26 -12.40 2.18
C ILE A 109 -21.59 -12.47 1.43
N VAL A 110 -22.02 -11.34 0.88
CA VAL A 110 -23.25 -11.30 0.11
C VAL A 110 -22.89 -10.79 -1.31
N VAL A 111 -23.34 -11.52 -2.32
CA VAL A 111 -23.09 -11.04 -3.70
C VAL A 111 -24.44 -10.60 -4.27
N ALA A 112 -24.58 -9.31 -4.53
CA ALA A 112 -25.78 -8.77 -5.14
C ALA A 112 -25.56 -8.71 -6.66
N GLY A 113 -26.60 -8.89 -7.46
CA GLY A 113 -26.46 -8.81 -8.90
C GLY A 113 -27.72 -8.35 -9.59
N LYS A 114 -27.62 -8.21 -10.92
CA LYS A 114 -28.78 -7.79 -11.70
C LYS A 114 -29.71 -8.93 -12.03
N GLY A 115 -29.31 -10.19 -11.77
CA GLY A 115 -30.27 -11.26 -11.96
C GLY A 115 -29.66 -12.59 -12.35
N ASN A 116 -28.56 -12.56 -13.08
CA ASN A 116 -27.95 -13.80 -13.52
C ASN A 116 -27.07 -14.45 -12.46
N ALA A 117 -26.90 -15.76 -12.62
CA ALA A 117 -25.97 -16.53 -11.79
C ALA A 117 -24.57 -15.98 -12.04
N LEU A 118 -23.66 -16.21 -11.11
CA LEU A 118 -22.29 -15.75 -11.21
C LEU A 118 -21.55 -16.45 -12.37
N THR A 119 -20.69 -15.72 -13.04
CA THR A 119 -19.86 -16.35 -14.09
C THR A 119 -18.72 -17.05 -13.39
N PRO A 120 -17.93 -17.81 -14.16
CA PRO A 120 -16.79 -18.50 -13.57
C PRO A 120 -15.83 -17.53 -12.93
N GLU A 121 -15.57 -16.37 -13.53
CA GLU A 121 -14.65 -15.41 -12.95
C GLU A 121 -15.24 -14.79 -11.67
N GLU A 122 -16.53 -14.50 -11.69
CA GLU A 122 -17.19 -13.98 -10.47
C GLU A 122 -17.13 -15.00 -9.35
N ASN A 123 -17.33 -16.29 -9.68
CA ASN A 123 -17.18 -17.32 -8.66
C ASN A 123 -15.77 -17.36 -8.11
N GLU A 124 -14.74 -17.20 -8.96
CA GLU A 124 -13.35 -17.18 -8.48
C GLU A 124 -13.15 -16.02 -7.51
N ILE A 125 -13.66 -14.83 -7.83
CA ILE A 125 -13.55 -13.68 -6.93
C ILE A 125 -14.21 -13.99 -5.58
N LEU A 126 -15.37 -14.61 -5.62
CA LEU A 126 -16.08 -14.99 -4.39
C LEU A 126 -15.25 -15.96 -3.54
N VAL A 127 -14.69 -16.98 -4.21
CA VAL A 127 -13.84 -17.95 -3.49
C VAL A 127 -12.65 -17.27 -2.86
N GLN A 128 -11.99 -16.34 -3.56
CA GLN A 128 -10.84 -15.63 -3.01
C GLN A 128 -11.28 -14.85 -1.77
N PHE A 129 -12.46 -14.22 -1.82
CA PHE A 129 -12.97 -13.50 -0.65
C PHE A 129 -13.32 -14.43 0.50
N ALA A 130 -13.93 -15.57 0.20
CA ALA A 130 -14.28 -16.55 1.24
C ALA A 130 -12.99 -17.00 1.92
N HIS A 131 -11.94 -17.27 1.14
CA HIS A 131 -10.69 -17.68 1.79
C HIS A 131 -10.18 -16.59 2.71
N GLU A 132 -10.12 -15.36 2.20
CA GLU A 132 -9.62 -14.22 2.93
C GLU A 132 -10.39 -13.98 4.22
N LYS A 133 -11.71 -14.18 4.20
CA LYS A 133 -12.58 -13.90 5.36
C LYS A 133 -12.71 -15.14 6.23
N LYS A 134 -12.09 -16.26 5.91
CA LYS A 134 -12.17 -17.50 6.64
C LYS A 134 -13.59 -18.07 6.70
N ILE A 135 -14.28 -18.06 5.56
CA ILE A 135 -15.60 -18.66 5.44
C ILE A 135 -15.48 -19.89 4.54
N PRO A 136 -15.89 -21.05 5.03
CA PRO A 136 -15.78 -22.26 4.24
C PRO A 136 -16.50 -22.16 2.92
N VAL A 137 -15.86 -22.66 1.84
CA VAL A 137 -16.54 -22.61 0.54
C VAL A 137 -17.76 -23.49 0.54
N GLU A 138 -17.89 -24.50 1.47
CA GLU A 138 -19.13 -25.30 1.45
C GLU A 138 -20.28 -24.52 2.09
N ASN A 139 -19.99 -23.37 2.62
CA ASN A 139 -21.00 -22.51 3.21
C ASN A 139 -21.48 -21.44 2.23
N ILE A 140 -21.11 -21.52 0.96
CA ILE A 140 -21.60 -20.60 -0.07
C ILE A 140 -22.91 -21.16 -0.61
N LEU A 141 -23.99 -20.40 -0.43
CA LEU A 141 -25.30 -20.81 -0.86
C LEU A 141 -25.87 -20.03 -2.04
N ASN A 142 -26.57 -20.76 -2.91
CA ASN A 142 -27.25 -20.14 -4.06
C ASN A 142 -28.61 -19.59 -3.63
N ILE A 143 -28.69 -18.31 -3.46
CA ILE A 143 -29.93 -17.70 -2.93
C ILE A 143 -30.86 -17.39 -4.08
N LEU A 144 -30.29 -17.08 -5.25
CA LEU A 144 -31.14 -16.72 -6.40
C LEU A 144 -32.15 -17.80 -6.73
N ALA A 145 -31.77 -19.07 -6.57
CA ALA A 145 -32.61 -20.21 -6.83
C ALA A 145 -33.87 -20.28 -5.99
N THR A 146 -33.89 -19.62 -4.83
CA THR A 146 -35.07 -19.66 -3.98
C THR A 146 -35.68 -18.27 -3.80
N ASP A 147 -35.40 -17.34 -4.72
CA ASP A 147 -35.97 -16.00 -4.61
C ASP A 147 -37.38 -16.07 -5.17
N THR A 148 -38.35 -16.33 -4.31
CA THR A 148 -39.72 -16.53 -4.77
C THR A 148 -40.69 -15.42 -4.45
N CYS A 149 -40.27 -14.37 -3.73
CA CYS A 149 -41.22 -13.31 -3.38
C CYS A 149 -41.46 -12.37 -4.57
N PRO A 150 -42.47 -11.53 -4.46
CA PRO A 150 -42.83 -10.65 -5.57
C PRO A 150 -41.69 -9.76 -6.03
N GLU A 151 -41.70 -9.38 -7.30
CA GLU A 151 -40.69 -8.49 -7.86
C GLU A 151 -40.74 -7.16 -7.11
N ALA B 4 -3.29 28.84 5.06
CA ALA B 4 -3.95 27.73 5.66
C ALA B 4 -5.03 27.15 4.71
N GLU B 5 -4.59 26.02 4.21
CA GLU B 5 -5.37 25.08 3.43
C GLU B 5 -5.80 23.93 4.37
N LEU B 6 -5.93 24.34 5.60
CA LEU B 6 -6.34 23.57 6.73
C LEU B 6 -7.85 23.37 6.72
N GLN B 7 -8.61 24.29 6.08
CA GLN B 7 -10.07 24.08 6.25
C GLN B 7 -10.67 23.02 5.35
N GLY B 8 -11.74 22.41 5.88
CA GLY B 8 -12.46 21.39 5.16
C GLY B 8 -12.70 20.15 6.04
N LYS B 9 -13.19 19.11 5.37
CA LYS B 9 -13.50 17.83 6.02
C LYS B 9 -12.24 17.00 6.22
N TRP B 10 -12.06 16.45 7.43
CA TRP B 10 -10.87 15.68 7.71
C TRP B 10 -11.22 14.57 8.72
N TYR B 11 -10.51 13.46 8.62
CA TYR B 11 -10.68 12.38 9.61
C TYR B 11 -9.32 12.12 10.26
N THR B 12 -9.33 11.53 11.46
CA THR B 12 -8.06 11.15 12.08
C THR B 12 -7.63 9.81 11.46
N ILE B 13 -6.43 9.80 10.87
CA ILE B 13 -5.93 8.54 10.28
C ILE B 13 -5.01 7.85 11.28
N VAL B 14 -4.05 8.59 11.85
CA VAL B 14 -3.08 8.06 12.78
C VAL B 14 -2.85 9.06 13.91
N ILE B 15 -2.59 8.56 15.13
CA ILE B 15 -2.21 9.37 16.25
C ILE B 15 -1.00 8.68 16.92
N ALA B 16 0.00 9.47 17.28
CA ALA B 16 1.18 8.93 17.98
C ALA B 16 1.44 9.79 19.21
N ALA B 17 1.90 9.20 20.33
CA ALA B 17 2.15 10.00 21.51
C ALA B 17 3.22 9.32 22.39
N ASP B 18 3.94 10.15 23.16
CA ASP B 18 4.97 9.54 24.02
C ASP B 18 4.30 8.84 25.20
N ASN B 19 3.09 9.25 25.56
CA ASN B 19 2.30 8.62 26.61
C ASN B 19 1.16 7.85 25.93
N LEU B 20 1.43 6.59 25.64
CA LEU B 20 0.51 5.74 24.92
C LEU B 20 -0.90 5.63 25.47
N GLU B 21 -1.07 5.59 26.80
CA GLU B 21 -2.40 5.40 27.39
C GLU B 21 -3.32 6.55 26.99
N LYS B 22 -2.80 7.77 26.84
CA LYS B 22 -3.61 8.92 26.48
C LYS B 22 -4.30 8.77 25.12
N ILE B 23 -3.72 8.00 24.21
CA ILE B 23 -4.30 7.84 22.89
C ILE B 23 -4.91 6.50 22.63
N GLU B 24 -4.84 5.56 23.59
CA GLU B 24 -5.52 4.28 23.37
C GLU B 24 -7.03 4.47 23.54
N GLU B 25 -7.79 3.49 23.19
CA GLU B 25 -9.25 3.57 23.36
C GLU B 25 -9.59 4.04 24.77
N GLY B 26 -10.55 4.94 24.93
CA GLY B 26 -10.97 5.50 26.20
C GLY B 26 -10.01 6.56 26.73
N GLY B 27 -8.89 6.76 26.04
CA GLY B 27 -7.90 7.75 26.42
C GLY B 27 -8.49 9.13 26.09
N PRO B 28 -8.09 10.13 26.85
CA PRO B 28 -8.62 11.46 26.72
C PRO B 28 -8.13 12.21 25.49
N LEU B 29 -7.01 11.75 24.92
CA LEU B 29 -6.46 12.45 23.76
C LEU B 29 -6.69 11.69 22.48
N ARG B 30 -7.56 10.68 22.50
CA ARG B 30 -7.89 9.94 21.27
C ARG B 30 -9.09 10.67 20.63
N PHE B 31 -8.87 11.34 19.51
CA PHE B 31 -10.04 12.01 18.93
C PHE B 31 -10.11 11.69 17.44
N TYR B 32 -11.33 11.80 16.94
CA TYR B 32 -11.63 11.49 15.55
C TYR B 32 -12.09 12.77 14.87
N PHE B 33 -11.18 13.35 14.08
CA PHE B 33 -11.49 14.59 13.39
C PHE B 33 -12.72 14.45 12.50
N ARG B 34 -13.41 15.58 12.33
CA ARG B 34 -14.47 15.67 11.33
C ARG B 34 -14.30 16.93 10.47
N HIS B 35 -13.94 18.05 11.10
CA HIS B 35 -13.87 19.28 10.25
C HIS B 35 -12.98 20.33 10.86
N ILE B 36 -12.37 21.13 9.99
CA ILE B 36 -11.57 22.26 10.44
C ILE B 36 -12.16 23.51 9.75
N ASP B 37 -12.50 24.51 10.55
CA ASP B 37 -13.04 25.77 9.98
C ASP B 37 -12.07 26.89 10.38
N CYS B 38 -11.64 27.71 9.46
CA CYS B 38 -10.72 28.79 9.70
C CYS B 38 -11.46 30.13 9.69
N TYR B 39 -11.15 30.97 10.66
CA TYR B 39 -11.75 32.29 10.74
C TYR B 39 -10.64 33.33 10.88
N LYS B 40 -10.86 34.47 10.22
CA LYS B 40 -9.96 35.61 10.35
C LYS B 40 -8.53 35.20 10.00
N ASN B 41 -8.36 34.89 8.74
CA ASN B 41 -7.10 34.42 8.15
C ASN B 41 -6.48 33.34 9.05
N CYS B 42 -7.30 32.40 9.40
CA CYS B 42 -7.07 31.27 10.24
C CYS B 42 -6.40 31.60 11.55
N SER B 43 -6.64 32.82 12.11
CA SER B 43 -6.11 33.12 13.43
C SER B 43 -6.99 32.43 14.50
N GLU B 44 -8.18 32.04 14.10
CA GLU B 44 -9.09 31.26 14.94
C GLU B 44 -9.37 29.95 14.17
N MSE B 45 -9.07 28.79 14.76
CA MSE B 45 -9.32 27.53 14.07
C MSE B 45 -10.39 26.77 14.88
O MSE B 45 -10.14 26.57 16.07
CB MSE B 45 -8.03 26.69 13.97
CG MSE B 45 -8.14 25.35 13.30
SE MSE B 45 -6.64 24.33 13.17
CE MSE B 45 -6.28 24.47 11.46
N GLU B 46 -11.53 26.44 14.30
CA GLU B 46 -12.52 25.69 15.09
C GLU B 46 -12.42 24.22 14.63
N ILE B 47 -12.27 23.29 15.57
CA ILE B 47 -12.08 21.91 15.13
C ILE B 47 -13.27 21.11 15.67
N THR B 48 -13.92 20.39 14.78
CA THR B 48 -15.05 19.53 15.20
C THR B 48 -14.58 18.08 15.07
N PHE B 49 -14.92 17.32 16.11
CA PHE B 49 -14.42 15.93 16.16
C PHE B 49 -15.31 15.13 17.10
N TYR B 50 -15.09 13.82 17.06
CA TYR B 50 -15.80 12.93 17.96
C TYR B 50 -14.82 12.37 18.99
N VAL B 51 -15.37 12.04 20.15
CA VAL B 51 -14.66 11.32 21.19
C VAL B 51 -15.55 10.05 21.42
N ILE B 52 -14.93 8.90 21.56
CA ILE B 52 -15.72 7.68 21.75
C ILE B 52 -15.49 7.18 23.19
N THR B 53 -16.57 6.89 23.88
CA THR B 53 -16.55 6.36 25.23
C THR B 53 -17.48 5.13 25.25
N ASN B 54 -16.94 3.93 25.31
CA ASN B 54 -17.77 2.71 25.29
C ASN B 54 -18.49 2.51 23.96
N ASN B 55 -17.86 2.85 22.85
CA ASN B 55 -18.41 2.81 21.52
C ASN B 55 -19.63 3.72 21.40
N GLN B 56 -19.74 4.73 22.26
CA GLN B 56 -20.78 5.73 22.17
C GLN B 56 -20.04 7.00 21.67
N CYS B 57 -20.40 7.50 20.52
CA CYS B 57 -19.77 8.71 19.97
C CYS B 57 -20.36 10.00 20.52
N SER B 58 -19.51 11.01 20.80
CA SER B 58 -20.05 12.31 21.26
C SER B 58 -19.35 13.39 20.41
N LYS B 59 -20.09 14.11 19.60
CA LYS B 59 -19.55 15.19 18.76
C LYS B 59 -19.16 16.37 19.65
N THR B 60 -17.98 16.91 19.40
CA THR B 60 -17.40 17.97 20.20
C THR B 60 -16.79 19.04 19.30
N THR B 61 -16.66 20.26 19.83
CA THR B 61 -15.97 21.27 19.01
C THR B 61 -15.07 22.07 19.95
N VAL B 62 -13.95 22.57 19.43
CA VAL B 62 -13.05 23.38 20.26
C VAL B 62 -12.49 24.49 19.37
N ILE B 63 -12.07 25.61 19.96
CA ILE B 63 -11.45 26.67 19.17
C ILE B 63 -9.98 26.83 19.57
N GLY B 64 -9.10 26.89 18.60
CA GLY B 64 -7.67 27.10 18.78
C GLY B 64 -7.35 28.53 18.31
N TYR B 65 -6.45 29.17 19.06
CA TYR B 65 -6.11 30.56 18.76
C TYR B 65 -4.65 30.68 18.32
N LEU B 66 -4.43 31.31 17.19
CA LEU B 66 -3.06 31.48 16.69
C LEU B 66 -2.26 32.42 17.57
N LYS B 67 -1.06 31.98 17.91
CA LYS B 67 -0.14 32.77 18.73
C LYS B 67 0.94 33.40 17.84
N GLY B 68 1.81 34.22 18.44
CA GLY B 68 2.88 34.87 17.69
C GLY B 68 3.87 33.91 17.06
N ASN B 69 4.23 32.82 17.71
CA ASN B 69 5.21 31.86 17.21
C ASN B 69 4.72 30.90 16.16
N GLY B 70 3.47 31.02 15.72
CA GLY B 70 2.91 30.16 14.67
C GLY B 70 2.19 28.96 15.26
N THR B 71 2.17 28.85 16.59
CA THR B 71 1.46 27.74 17.21
C THR B 71 0.04 28.19 17.55
N TYR B 72 -0.80 27.21 17.82
CA TYR B 72 -2.18 27.45 18.24
C TYR B 72 -2.36 26.93 19.66
N GLU B 73 -3.18 27.60 20.46
CA GLU B 73 -3.47 27.15 21.81
C GLU B 73 -4.97 26.82 21.87
N THR B 74 -5.26 25.69 22.50
CA THR B 74 -6.67 25.33 22.72
C THR B 74 -6.77 24.60 24.04
N GLN B 75 -7.89 24.80 24.75
CA GLN B 75 -8.13 24.09 26.01
C GLN B 75 -9.05 22.89 25.75
N PHE B 76 -8.53 21.71 26.05
CA PHE B 76 -9.28 20.46 25.87
C PHE B 76 -8.47 19.36 26.57
N GLU B 77 -9.03 18.77 27.62
CA GLU B 77 -8.30 17.75 28.39
C GLU B 77 -6.93 18.30 28.77
N GLY B 78 -6.91 19.54 29.23
CA GLY B 78 -5.74 20.29 29.59
C GLY B 78 -5.40 21.38 28.58
N ASN B 79 -4.17 21.89 28.65
CA ASN B 79 -3.75 22.93 27.72
C ASN B 79 -2.99 22.30 26.55
N ASN B 80 -3.36 22.70 25.34
CA ASN B 80 -2.69 22.18 24.16
C ASN B 80 -2.02 23.26 23.34
N ILE B 81 -0.78 23.00 22.93
CA ILE B 81 -0.10 23.87 21.97
C ILE B 81 0.21 23.09 20.72
N PHE B 82 -0.47 23.40 19.62
CA PHE B 82 -0.35 22.63 18.40
C PHE B 82 -0.01 23.46 17.19
N GLN B 83 0.48 22.76 16.16
CA GLN B 83 0.83 23.41 14.92
C GLN B 83 0.89 22.42 13.78
N PRO B 84 0.52 22.84 12.58
CA PRO B 84 0.64 21.94 11.43
C PRO B 84 2.13 21.83 11.10
N LEU B 85 2.65 20.63 10.91
CA LEU B 85 4.06 20.41 10.56
C LEU B 85 4.22 20.32 9.05
N TYR B 86 3.24 19.70 8.41
CA TYR B 86 3.28 19.45 6.97
C TYR B 86 1.87 19.31 6.44
N ILE B 87 1.54 20.11 5.42
CA ILE B 87 0.20 20.14 4.85
C ILE B 87 0.20 19.80 3.37
N THR B 88 -0.64 18.83 2.99
CA THR B 88 -0.83 18.44 1.61
C THR B 88 -2.34 18.56 1.32
N SER B 89 -2.72 18.29 0.09
CA SER B 89 -4.15 18.44 -0.26
C SER B 89 -4.98 17.32 0.34
N ASP B 90 -4.40 16.29 0.68
CA ASP B 90 -4.97 15.01 1.13
C ASP B 90 -4.77 14.83 2.63
N LYS B 91 -3.62 15.37 3.16
CA LYS B 91 -3.20 15.08 4.52
C LYS B 91 -2.68 16.29 5.29
N ILE B 92 -2.84 16.26 6.60
CA ILE B 92 -2.23 17.27 7.46
C ILE B 92 -1.49 16.56 8.62
N PHE B 93 -0.20 16.86 8.76
CA PHE B 93 0.56 16.29 9.88
C PHE B 93 0.64 17.38 10.96
N PHE B 94 0.05 17.17 12.11
CA PHE B 94 0.11 18.09 13.22
C PHE B 94 0.97 17.61 14.38
N THR B 95 1.60 18.57 15.06
CA THR B 95 2.26 18.23 16.33
C THR B 95 1.42 18.90 17.42
N ASN B 96 1.35 18.32 18.60
CA ASN B 96 0.61 18.89 19.71
C ASN B 96 1.30 18.56 21.03
N LYS B 97 1.35 19.51 21.93
CA LYS B 97 1.89 19.28 23.26
C LYS B 97 0.74 19.50 24.24
N ASN B 98 0.37 18.48 25.00
CA ASN B 98 -0.73 18.60 25.95
C ASN B 98 -0.23 18.52 27.39
N MSE B 99 -0.75 19.36 28.25
CA MSE B 99 -0.44 19.34 29.70
C MSE B 99 -1.77 19.08 30.41
O MSE B 99 -2.65 19.94 30.31
CB MSE B 99 0.19 20.64 30.14
CG MSE B 99 0.35 20.86 31.63
SE MSE B 99 1.10 22.44 32.05
CE MSE B 99 -0.19 23.58 31.51
N ASP B 100 -1.93 17.95 31.09
CA ASP B 100 -3.20 17.58 31.72
C ASP B 100 -3.42 18.26 33.07
N ARG B 101 -4.48 17.84 33.80
CA ARG B 101 -4.84 18.46 35.08
C ARG B 101 -3.85 18.05 36.16
N ALA B 102 -3.17 16.92 36.01
CA ALA B 102 -2.14 16.47 36.94
C ALA B 102 -0.78 17.05 36.61
N GLY B 103 -0.69 17.83 35.53
CA GLY B 103 0.53 18.48 35.10
C GLY B 103 1.35 17.66 34.12
N GLN B 104 0.90 16.45 33.81
CA GLN B 104 1.64 15.59 32.89
C GLN B 104 1.72 16.23 31.50
N GLU B 105 2.87 16.07 30.87
CA GLU B 105 3.08 16.62 29.52
C GLU B 105 3.14 15.49 28.50
N THR B 106 2.35 15.61 27.44
CA THR B 106 2.29 14.57 26.40
C THR B 106 2.62 15.18 25.03
N ASN B 107 3.60 14.60 24.35
CA ASN B 107 3.96 15.05 23.00
C ASN B 107 3.26 14.15 22.00
N MSE B 108 2.58 14.74 21.01
CA MSE B 108 1.84 13.88 20.09
C MSE B 108 1.93 14.38 18.64
O MSE B 108 2.31 15.51 18.34
CB MSE B 108 0.38 13.76 20.52
CG MSE B 108 -0.42 14.92 20.95
SE MSE B 108 -2.03 14.60 21.75
CE MSE B 108 -2.85 13.63 20.51
N ILE B 109 1.68 13.44 17.73
CA ILE B 109 1.58 13.74 16.33
C ILE B 109 0.23 13.21 15.85
N VAL B 110 -0.49 14.03 15.12
CA VAL B 110 -1.78 13.58 14.60
C VAL B 110 -1.74 13.71 13.08
N VAL B 111 -2.14 12.68 12.37
CA VAL B 111 -2.20 12.75 10.93
C VAL B 111 -3.70 12.73 10.53
N ALA B 112 -4.13 13.87 10.00
CA ALA B 112 -5.51 14.01 9.52
C ALA B 112 -5.48 13.72 8.01
N GLY B 113 -6.58 13.18 7.51
CA GLY B 113 -6.65 12.86 6.09
C GLY B 113 -8.09 12.80 5.59
N LYS B 114 -8.19 12.68 4.25
CA LYS B 114 -9.52 12.60 3.66
C LYS B 114 -10.13 11.23 3.79
N GLY B 115 -9.32 10.21 4.10
CA GLY B 115 -9.87 8.88 4.32
C GLY B 115 -8.91 7.76 3.98
N ASN B 116 -8.11 7.87 2.93
CA ASN B 116 -7.26 6.69 2.68
C ASN B 116 -6.09 6.63 3.65
N ALA B 117 -5.50 5.44 3.63
CA ALA B 117 -4.35 5.12 4.44
C ALA B 117 -3.12 5.89 3.96
N LEU B 118 -2.15 6.00 4.86
CA LEU B 118 -0.91 6.68 4.48
C LEU B 118 -0.15 5.81 3.47
N THR B 119 0.43 6.48 2.49
CA THR B 119 1.32 5.73 1.55
C THR B 119 2.62 5.44 2.29
N PRO B 120 3.50 4.64 1.72
CA PRO B 120 4.77 4.34 2.36
C PRO B 120 5.54 5.62 2.64
N GLU B 121 5.59 6.55 1.69
CA GLU B 121 6.30 7.81 1.89
C GLU B 121 5.67 8.63 3.01
N GLU B 122 4.34 8.69 3.07
CA GLU B 122 3.69 9.42 4.17
C GLU B 122 3.98 8.76 5.50
N ASN B 123 4.05 7.42 5.53
CA ASN B 123 4.42 6.72 6.77
C ASN B 123 5.86 7.08 7.13
N GLU B 124 6.75 7.26 6.14
CA GLU B 124 8.14 7.62 6.47
C GLU B 124 8.19 9.02 7.06
N ILE B 125 7.42 9.94 6.48
CA ILE B 125 7.32 11.29 7.01
C ILE B 125 6.86 11.24 8.46
N LEU B 126 5.83 10.44 8.77
CA LEU B 126 5.34 10.27 10.12
C LEU B 126 6.45 9.75 11.06
N VAL B 127 7.15 8.70 10.59
CA VAL B 127 8.24 8.16 11.43
C VAL B 127 9.30 9.21 11.67
N GLN B 128 9.65 10.03 10.68
CA GLN B 128 10.64 11.08 10.90
C GLN B 128 10.18 12.09 11.92
N PHE B 129 8.89 12.46 11.89
CA PHE B 129 8.37 13.40 12.88
C PHE B 129 8.37 12.76 14.27
N ALA B 130 8.09 11.48 14.33
CA ALA B 130 8.09 10.75 15.61
C ALA B 130 9.51 10.78 16.18
N HIS B 131 10.51 10.48 15.35
CA HIS B 131 11.89 10.58 15.86
C HIS B 131 12.21 11.97 16.34
N GLU B 132 11.85 12.98 15.64
CA GLU B 132 12.16 14.38 15.97
C GLU B 132 11.50 14.78 17.28
N LYS B 133 10.28 14.33 17.58
CA LYS B 133 9.54 14.68 18.79
C LYS B 133 9.70 13.70 19.93
N LYS B 134 10.55 12.73 19.61
CA LYS B 134 10.93 11.81 20.70
C LYS B 134 9.70 11.00 21.14
N ILE B 135 8.99 10.47 20.14
CA ILE B 135 7.83 9.60 20.33
C ILE B 135 8.19 8.23 19.77
N PRO B 136 8.13 7.19 20.57
CA PRO B 136 8.46 5.86 20.11
C PRO B 136 7.63 5.44 18.92
N VAL B 137 8.26 4.82 17.93
CA VAL B 137 7.52 4.34 16.74
C VAL B 137 6.50 3.30 17.11
N GLU B 138 6.71 2.55 18.21
CA GLU B 138 5.73 1.58 18.66
C GLU B 138 4.48 2.28 19.19
N ASN B 139 4.52 3.58 19.43
CA ASN B 139 3.40 4.34 19.94
C ASN B 139 2.59 5.01 18.83
N ILE B 140 2.79 4.61 17.59
CA ILE B 140 2.01 5.16 16.46
C ILE B 140 0.79 4.27 16.26
N LEU B 141 -0.42 4.77 16.44
CA LEU B 141 -1.65 3.98 16.35
C LEU B 141 -2.50 4.34 15.12
N ASN B 142 -2.83 3.36 14.31
CA ASN B 142 -3.68 3.58 13.13
C ASN B 142 -5.09 3.50 13.68
N ILE B 143 -5.79 4.64 13.82
CA ILE B 143 -7.07 4.54 14.52
C ILE B 143 -8.30 4.70 13.67
N LEU B 144 -8.19 4.95 12.37
CA LEU B 144 -9.39 5.15 11.56
C LEU B 144 -10.32 3.97 11.59
N ALA B 145 -9.80 2.73 11.66
CA ALA B 145 -10.72 1.59 11.68
C ALA B 145 -11.67 1.58 12.87
N THR B 146 -11.34 2.23 13.99
CA THR B 146 -12.20 2.24 15.15
C THR B 146 -13.18 3.42 15.14
N ASP B 147 -13.15 4.20 14.06
CA ASP B 147 -14.07 5.35 13.97
C ASP B 147 -15.46 4.85 13.57
N THR B 148 -16.27 4.53 14.56
CA THR B 148 -17.64 4.06 14.35
C THR B 148 -18.66 5.19 14.44
N CYS B 149 -18.18 6.45 14.32
CA CYS B 149 -19.09 7.60 14.41
C CYS B 149 -19.56 8.05 13.05
N PRO B 150 -20.70 8.72 12.99
CA PRO B 150 -21.28 9.14 11.70
C PRO B 150 -20.24 9.82 10.86
N GLU B 151 -20.18 9.51 9.57
CA GLU B 151 -19.15 10.10 8.72
C GLU B 151 -19.24 11.62 8.65
N GLU C 5 -4.31 -28.79 -22.94
CA GLU C 5 -5.25 -28.14 -22.01
C GLU C 5 -4.84 -26.69 -21.78
N LEU C 6 -3.61 -26.52 -21.33
CA LEU C 6 -3.03 -25.18 -21.19
C LEU C 6 -2.21 -24.93 -22.48
N GLN C 7 -2.24 -25.93 -23.34
CA GLN C 7 -1.54 -25.97 -24.60
C GLN C 7 -2.02 -24.92 -25.58
N GLY C 8 -1.09 -24.39 -26.37
CA GLY C 8 -1.37 -23.39 -27.39
C GLY C 8 -0.43 -22.19 -27.35
N LYS C 9 -0.72 -21.23 -28.05
CA LYS C 9 -0.02 -19.95 -28.22
C LYS C 9 -0.42 -18.98 -27.10
N TRP C 10 0.54 -18.40 -26.38
CA TRP C 10 0.25 -17.50 -25.29
C TRP C 10 1.29 -16.36 -25.22
N TYR C 11 0.86 -15.20 -24.74
CA TYR C 11 1.79 -14.09 -24.57
C TYR C 11 1.73 -13.65 -23.10
N THR C 12 2.73 -12.92 -22.65
CA THR C 12 2.68 -12.45 -21.27
C THR C 12 1.90 -11.12 -21.26
N ILE C 13 0.83 -11.06 -20.50
CA ILE C 13 0.05 -9.81 -20.40
C ILE C 13 0.58 -9.00 -19.23
N VAL C 14 0.65 -9.63 -18.04
CA VAL C 14 1.11 -8.95 -16.83
C VAL C 14 2.05 -9.87 -16.04
N ILE C 15 3.04 -9.32 -15.37
CA ILE C 15 3.90 -10.06 -14.47
C ILE C 15 3.97 -9.28 -13.16
N ALA C 16 3.90 -9.96 -12.03
CA ALA C 16 4.01 -9.29 -10.74
C ALA C 16 5.02 -10.04 -9.89
N ALA C 17 5.84 -9.35 -9.12
CA ALA C 17 6.80 -10.06 -8.28
C ALA C 17 7.08 -9.26 -7.01
N ASP C 18 7.49 -9.97 -5.93
CA ASP C 18 7.84 -9.20 -4.73
C ASP C 18 9.18 -8.52 -4.93
N ASN C 19 10.05 -9.12 -5.75
CA ASN C 19 11.35 -8.52 -6.05
C ASN C 19 11.24 -7.86 -7.43
N LEU C 20 10.86 -6.59 -7.45
CA LEU C 20 10.65 -5.86 -8.67
C LEU C 20 11.77 -5.86 -9.68
N GLU C 21 13.02 -5.79 -9.25
CA GLU C 21 14.16 -5.75 -10.17
C GLU C 21 14.24 -6.98 -11.06
N LYS C 22 13.73 -8.11 -10.57
CA LYS C 22 13.75 -9.34 -11.35
C LYS C 22 12.89 -9.26 -12.60
N ILE C 23 11.83 -8.46 -12.56
CA ILE C 23 10.88 -8.40 -13.67
C ILE C 23 10.87 -7.08 -14.42
N GLU C 24 11.67 -6.09 -13.99
CA GLU C 24 11.72 -4.84 -14.77
C GLU C 24 12.52 -5.11 -16.04
N GLU C 25 12.40 -4.25 -17.05
CA GLU C 25 13.18 -4.46 -18.28
C GLU C 25 14.63 -4.74 -17.98
N GLY C 26 15.15 -5.83 -18.55
CA GLY C 26 16.53 -6.24 -18.38
C GLY C 26 16.73 -7.22 -17.23
N GLY C 27 15.70 -7.45 -16.44
CA GLY C 27 15.75 -8.37 -15.30
C GLY C 27 15.63 -9.79 -15.85
N PRO C 28 16.19 -10.76 -15.15
CA PRO C 28 16.23 -12.13 -15.65
C PRO C 28 14.92 -12.87 -15.68
N LEU C 29 13.91 -12.45 -14.92
CA LEU C 29 12.63 -13.15 -14.88
C LEU C 29 11.49 -12.43 -15.59
N ARG C 30 11.78 -11.48 -16.47
CA ARG C 30 10.79 -10.78 -17.26
C ARG C 30 10.51 -11.59 -18.52
N PHE C 31 9.68 -12.62 -18.33
CA PHE C 31 9.36 -13.58 -19.36
C PHE C 31 8.32 -13.09 -20.37
N TYR C 32 8.60 -13.21 -21.65
CA TYR C 32 7.63 -12.94 -22.69
C TYR C 32 7.19 -14.30 -23.26
N PHE C 33 6.05 -14.83 -22.82
CA PHE C 33 5.63 -16.13 -23.32
C PHE C 33 5.40 -16.15 -24.83
N ARG C 34 5.52 -17.35 -25.37
CA ARG C 34 5.17 -17.67 -26.74
C ARG C 34 4.28 -18.90 -26.85
N HIS C 35 4.59 -19.95 -26.05
CA HIS C 35 3.82 -21.18 -26.29
C HIS C 35 3.88 -22.12 -25.11
N ILE C 36 2.83 -22.92 -24.97
CA ILE C 36 2.83 -23.97 -23.95
C ILE C 36 2.41 -25.28 -24.65
N ASP C 37 3.16 -26.35 -24.41
CA ASP C 37 2.82 -27.66 -24.95
C ASP C 37 2.75 -28.61 -23.73
N CYS C 38 1.86 -29.59 -23.75
CA CYS C 38 1.80 -30.53 -22.63
C CYS C 38 2.16 -31.94 -23.08
N TYR C 39 2.84 -32.69 -22.22
CA TYR C 39 3.09 -34.11 -22.55
C TYR C 39 2.57 -35.01 -21.44
N LYS C 40 2.12 -36.22 -21.79
CA LYS C 40 1.70 -37.21 -20.81
C LYS C 40 0.69 -36.72 -19.81
N ASN C 41 -0.47 -36.27 -20.28
CA ASN C 41 -1.54 -35.75 -19.42
C ASN C 41 -1.02 -34.57 -18.61
N CYS C 42 -0.24 -33.73 -19.28
CA CYS C 42 0.45 -32.58 -18.79
C CYS C 42 1.21 -32.86 -17.51
N SER C 43 1.90 -34.02 -17.48
CA SER C 43 2.77 -34.29 -16.32
C SER C 43 4.10 -33.57 -16.61
N GLU C 44 4.25 -33.16 -17.87
CA GLU C 44 5.36 -32.35 -18.33
C GLU C 44 4.77 -31.15 -19.09
N MSE C 45 5.11 -29.94 -18.65
CA MSE C 45 4.59 -28.75 -19.36
C MSE C 45 5.80 -28.12 -20.06
O MSE C 45 6.78 -27.82 -19.37
CB MSE C 45 3.92 -27.80 -18.38
CG MSE C 45 3.13 -26.67 -19.02
SE MSE C 45 2.36 -25.53 -17.81
CE MSE C 45 1.62 -26.73 -16.73
N GLU C 46 5.76 -27.92 -21.36
CA GLU C 46 6.91 -27.36 -22.11
C GLU C 46 6.58 -25.90 -22.41
N ILE C 47 7.36 -24.98 -21.87
CA ILE C 47 7.02 -23.56 -22.01
C ILE C 47 8.09 -22.86 -22.84
N THR C 48 7.69 -22.13 -23.86
CA THR C 48 8.64 -21.40 -24.71
C THR C 48 8.38 -19.90 -24.49
N PHE C 49 9.48 -19.18 -24.29
CA PHE C 49 9.37 -17.75 -24.04
C PHE C 49 10.67 -17.03 -24.40
N TYR C 50 10.57 -15.68 -24.41
CA TYR C 50 11.75 -14.86 -24.64
C TYR C 50 12.09 -14.06 -23.38
N VAL C 51 13.39 -13.75 -23.24
CA VAL C 51 13.82 -12.79 -22.22
C VAL C 51 14.76 -11.82 -22.98
N ILE C 52 14.60 -10.54 -22.73
CA ILE C 52 15.46 -9.56 -23.40
C ILE C 52 16.58 -9.18 -22.44
N THR C 53 17.81 -9.45 -22.82
CA THR C 53 18.98 -9.12 -22.01
C THR C 53 20.06 -8.52 -22.89
N ASN C 54 20.65 -7.41 -22.52
CA ASN C 54 21.69 -6.89 -23.41
C ASN C 54 21.05 -6.05 -24.50
N ASN C 55 19.69 -5.85 -24.46
CA ASN C 55 18.89 -5.35 -25.60
C ASN C 55 18.78 -6.40 -26.69
N GLN C 56 18.96 -7.63 -26.43
CA GLN C 56 18.82 -8.67 -27.46
C GLN C 56 17.79 -9.72 -27.02
N CYS C 57 16.96 -10.28 -27.92
CA CYS C 57 15.96 -11.28 -27.51
C CYS C 57 16.58 -12.67 -27.50
N SER C 58 16.35 -13.44 -26.45
CA SER C 58 16.85 -14.79 -26.34
C SER C 58 15.66 -15.72 -26.08
N LYS C 59 15.43 -16.67 -26.97
CA LYS C 59 14.32 -17.62 -26.87
C LYS C 59 14.76 -18.84 -26.06
N THR C 60 13.91 -19.27 -25.11
CA THR C 60 14.22 -20.45 -24.30
C THR C 60 13.00 -21.36 -24.23
N THR C 61 13.22 -22.68 -24.31
CA THR C 61 12.10 -23.61 -24.09
C THR C 61 12.51 -24.48 -22.89
N VAL C 62 11.74 -24.48 -21.82
CA VAL C 62 12.04 -25.32 -20.67
C VAL C 62 10.86 -26.26 -20.40
N ILE C 63 11.14 -27.38 -19.72
CA ILE C 63 10.08 -28.33 -19.41
C ILE C 63 9.95 -28.44 -17.88
N GLY C 64 8.71 -28.26 -17.43
CA GLY C 64 8.40 -28.39 -16.00
C GLY C 64 7.79 -29.77 -15.78
N TYR C 65 8.20 -30.42 -14.69
CA TYR C 65 7.70 -31.74 -14.36
C TYR C 65 6.77 -31.61 -13.15
N LEU C 66 5.62 -32.27 -13.26
CA LEU C 66 4.60 -32.24 -12.24
C LEU C 66 4.98 -33.02 -10.99
N LYS C 67 4.78 -32.39 -9.83
CA LYS C 67 5.07 -33.04 -8.55
C LYS C 67 3.78 -33.51 -7.91
N GLY C 68 3.88 -34.45 -6.96
CA GLY C 68 2.70 -34.96 -6.26
C GLY C 68 1.82 -33.88 -5.66
N ASN C 69 2.40 -32.80 -5.17
CA ASN C 69 1.67 -31.68 -4.59
C ASN C 69 0.97 -30.77 -5.58
N GLY C 70 0.99 -31.04 -6.89
CA GLY C 70 0.29 -30.22 -7.85
C GLY C 70 1.13 -29.12 -8.47
N THR C 71 2.36 -28.96 -7.99
CA THR C 71 3.25 -27.94 -8.54
C THR C 71 4.17 -28.55 -9.60
N TYR C 72 4.77 -27.68 -10.40
CA TYR C 72 5.72 -28.08 -11.42
C TYR C 72 7.10 -27.54 -11.10
N GLU C 73 8.18 -28.27 -11.39
CA GLU C 73 9.51 -27.73 -11.14
C GLU C 73 10.29 -27.60 -12.44
N THR C 74 11.06 -26.51 -12.59
CA THR C 74 11.93 -26.43 -13.79
C THR C 74 13.14 -25.57 -13.50
N GLN C 75 14.27 -25.91 -14.15
CA GLN C 75 15.49 -25.14 -13.96
C GLN C 75 15.53 -24.00 -14.98
N PHE C 76 15.72 -22.78 -14.48
CA PHE C 76 15.86 -21.60 -15.32
C PHE C 76 16.20 -20.42 -14.39
N GLU C 77 17.37 -19.78 -14.59
CA GLU C 77 17.79 -18.72 -13.66
C GLU C 77 17.60 -19.17 -12.23
N GLY C 78 18.11 -20.38 -11.92
CA GLY C 78 17.90 -20.93 -10.59
C GLY C 78 16.84 -22.04 -10.69
N ASN C 79 16.12 -22.27 -9.62
CA ASN C 79 15.08 -23.32 -9.61
C ASN C 79 13.71 -22.67 -9.49
N ASN C 80 12.72 -23.21 -10.16
CA ASN C 80 11.37 -22.65 -10.16
C ASN C 80 10.32 -23.68 -9.77
N ILE C 81 9.37 -23.26 -8.93
CA ILE C 81 8.24 -24.08 -8.51
C ILE C 81 7.00 -23.30 -8.98
N PHE C 82 6.32 -23.80 -9.99
CA PHE C 82 5.16 -23.03 -10.50
C PHE C 82 3.90 -23.87 -10.59
N GLN C 83 2.78 -23.16 -10.74
CA GLN C 83 1.47 -23.81 -10.83
C GLN C 83 0.43 -22.85 -11.38
N PRO C 84 -0.47 -23.38 -12.20
CA PRO C 84 -1.60 -22.56 -12.66
C PRO C 84 -2.46 -22.27 -11.43
N LEU C 85 -2.91 -21.04 -11.24
CA LEU C 85 -3.74 -20.68 -10.10
C LEU C 85 -5.22 -20.64 -10.56
N TYR C 86 -5.38 -20.12 -11.77
CA TYR C 86 -6.70 -19.95 -12.35
C TYR C 86 -6.60 -20.00 -13.86
N ILE C 87 -7.50 -20.73 -14.50
CA ILE C 87 -7.46 -20.89 -15.95
C ILE C 87 -8.78 -20.56 -16.61
N THR C 88 -8.71 -19.82 -17.71
CA THR C 88 -9.86 -19.48 -18.53
C THR C 88 -9.44 -19.78 -19.98
N SER C 89 -10.37 -19.87 -20.91
CA SER C 89 -10.06 -20.11 -22.31
C SER C 89 -9.06 -19.11 -22.86
N ASP C 90 -9.06 -17.91 -22.34
CA ASP C 90 -8.36 -16.72 -22.87
C ASP C 90 -7.16 -16.38 -22.00
N LYS C 91 -7.11 -16.75 -20.72
CA LYS C 91 -6.06 -16.32 -19.81
C LYS C 91 -5.63 -17.45 -18.86
N ILE C 92 -4.35 -17.43 -18.51
CA ILE C 92 -3.86 -18.38 -17.51
C ILE C 92 -3.17 -17.56 -16.41
N PHE C 93 -3.60 -17.72 -15.18
CA PHE C 93 -2.93 -17.04 -14.07
C PHE C 93 -1.97 -18.06 -13.43
N PHE C 94 -0.68 -17.80 -13.48
CA PHE C 94 0.30 -18.68 -12.89
C PHE C 94 0.95 -18.05 -11.65
N THR C 95 1.33 -18.93 -10.73
CA THR C 95 2.20 -18.51 -9.61
C THR C 95 3.55 -19.19 -9.84
N ASN C 96 4.65 -18.52 -9.55
CA ASN C 96 5.99 -19.11 -9.66
C ASN C 96 6.84 -18.61 -8.49
N LYS C 97 7.60 -19.54 -7.91
CA LYS C 97 8.55 -19.23 -6.85
C LYS C 97 9.95 -19.54 -7.43
N ASN C 98 10.73 -18.50 -7.67
CA ASN C 98 12.08 -18.71 -8.20
C ASN C 98 13.13 -18.60 -7.11
N MSE C 99 14.04 -19.56 -7.04
CA MSE C 99 15.17 -19.51 -6.10
C MSE C 99 16.43 -19.33 -6.97
O MSE C 99 16.79 -20.25 -7.71
CB MSE C 99 15.27 -20.76 -5.23
CG MSE C 99 16.24 -20.66 -4.05
SE MSE C 99 16.54 -22.21 -3.19
CE MSE C 99 14.88 -22.73 -2.78
N ASP C 100 17.08 -18.18 -6.93
CA ASP C 100 18.25 -17.98 -7.78
C ASP C 100 19.49 -18.63 -7.21
N ARG C 101 20.60 -18.52 -7.90
CA ARG C 101 21.84 -19.17 -7.47
C ARG C 101 22.26 -18.68 -6.09
N ALA C 102 22.10 -17.40 -5.76
CA ALA C 102 22.43 -16.83 -4.48
C ALA C 102 21.50 -17.24 -3.35
N GLY C 103 20.33 -17.80 -3.65
CA GLY C 103 19.39 -18.24 -2.62
C GLY C 103 18.25 -17.25 -2.45
N GLN C 104 18.28 -16.20 -3.24
CA GLN C 104 17.22 -15.20 -3.20
C GLN C 104 15.94 -15.78 -3.80
N GLU C 105 14.86 -15.71 -3.03
CA GLU C 105 13.56 -16.23 -3.46
C GLU C 105 12.66 -15.10 -3.98
N THR C 106 12.09 -15.31 -5.15
CA THR C 106 11.19 -14.33 -5.77
C THR C 106 9.83 -14.99 -5.95
N ASN C 107 8.79 -14.37 -5.40
CA ASN C 107 7.44 -14.92 -5.55
C ASN C 107 6.81 -14.10 -6.69
N MSE C 108 6.25 -14.77 -7.67
CA MSE C 108 5.71 -14.06 -8.82
C MSE C 108 4.35 -14.58 -9.25
O MSE C 108 3.93 -15.68 -8.92
CB MSE C 108 6.68 -14.06 -10.01
CG MSE C 108 7.55 -15.20 -10.34
SE MSE C 108 8.97 -14.99 -11.44
CE MSE C 108 8.27 -14.09 -12.81
N ILE C 109 3.65 -13.71 -9.97
CA ILE C 109 2.37 -14.05 -10.58
C ILE C 109 2.55 -13.64 -12.06
N VAL C 110 2.25 -14.55 -12.95
CA VAL C 110 2.36 -14.28 -14.38
C VAL C 110 0.99 -14.54 -14.99
N VAL C 111 0.46 -13.56 -15.72
CA VAL C 111 -0.82 -13.77 -16.39
C VAL C 111 -0.52 -13.92 -17.89
N ALA C 112 -0.74 -15.10 -18.41
CA ALA C 112 -0.56 -15.38 -19.84
C ALA C 112 -1.91 -15.15 -20.53
N GLY C 113 -1.87 -14.67 -21.77
CA GLY C 113 -3.12 -14.43 -22.48
C GLY C 113 -2.94 -14.49 -23.99
N LYS C 114 -4.09 -14.42 -24.69
CA LYS C 114 -4.04 -14.46 -26.16
C LYS C 114 -3.70 -13.10 -26.74
N GLY C 115 -3.73 -12.04 -25.94
CA GLY C 115 -3.36 -10.71 -26.37
C GLY C 115 -4.17 -9.58 -25.78
N ASN C 116 -5.48 -9.80 -25.55
CA ASN C 116 -6.28 -8.71 -24.99
C ASN C 116 -5.87 -8.39 -23.55
N ALA C 117 -6.19 -7.16 -23.14
CA ALA C 117 -5.94 -6.67 -21.80
C ALA C 117 -6.84 -7.41 -20.79
N LEU C 118 -6.44 -7.40 -19.52
CA LEU C 118 -7.29 -8.04 -18.52
C LEU C 118 -8.59 -7.22 -18.33
N THR C 119 -9.70 -7.88 -18.19
CA THR C 119 -10.97 -7.18 -17.89
C THR C 119 -10.89 -6.72 -16.44
N PRO C 120 -11.88 -5.92 -16.02
CA PRO C 120 -11.89 -5.46 -14.63
C PRO C 120 -11.95 -6.64 -13.67
N GLU C 121 -12.76 -7.65 -13.95
CA GLU C 121 -12.85 -8.80 -13.04
C GLU C 121 -11.55 -9.57 -13.01
N GLU C 122 -10.89 -9.71 -14.17
CA GLU C 122 -9.61 -10.40 -14.22
C GLU C 122 -8.56 -9.64 -13.43
N ASN C 123 -8.58 -8.30 -13.52
CA ASN C 123 -7.69 -7.48 -12.70
C ASN C 123 -7.98 -7.68 -11.21
N GLU C 124 -9.25 -7.82 -10.82
CA GLU C 124 -9.56 -8.07 -9.41
C GLU C 124 -9.01 -9.42 -8.98
N ILE C 125 -9.19 -10.45 -9.82
CA ILE C 125 -8.61 -11.77 -9.50
C ILE C 125 -7.12 -11.64 -9.26
N LEU C 126 -6.40 -10.93 -10.12
CA LEU C 126 -4.95 -10.71 -10.00
C LEU C 126 -4.61 -10.01 -8.70
N VAL C 127 -5.41 -8.98 -8.34
CA VAL C 127 -5.14 -8.28 -7.09
C VAL C 127 -5.34 -9.21 -5.89
N GLN C 128 -6.37 -10.04 -5.90
CA GLN C 128 -6.58 -10.96 -4.77
C GLN C 128 -5.43 -11.98 -4.69
N PHE C 129 -4.95 -12.46 -5.83
CA PHE C 129 -3.81 -13.37 -5.82
C PHE C 129 -2.56 -12.67 -5.30
N ALA C 130 -2.33 -11.43 -5.71
CA ALA C 130 -1.19 -10.67 -5.23
C ALA C 130 -1.27 -10.47 -3.70
N HIS C 131 -2.48 -10.21 -3.19
CA HIS C 131 -2.66 -10.04 -1.75
C HIS C 131 -2.34 -11.35 -1.04
N GLU C 132 -2.85 -12.46 -1.58
CA GLU C 132 -2.63 -13.78 -1.01
C GLU C 132 -1.18 -14.21 -1.08
N LYS C 133 -0.45 -13.75 -2.10
CA LYS C 133 0.95 -14.08 -2.28
C LYS C 133 1.91 -13.08 -1.66
N LYS C 134 1.47 -12.04 -1.02
CA LYS C 134 2.33 -11.01 -0.41
C LYS C 134 3.17 -10.34 -1.50
N ILE C 135 2.49 -9.96 -2.57
CA ILE C 135 3.12 -9.22 -3.66
C ILE C 135 2.47 -7.84 -3.74
N PRO C 136 3.26 -6.79 -3.57
CA PRO C 136 2.72 -5.45 -3.64
C PRO C 136 2.00 -5.19 -4.95
N VAL C 137 0.83 -4.58 -4.87
CA VAL C 137 0.03 -4.24 -6.06
C VAL C 137 0.76 -3.29 -6.97
N GLU C 138 1.68 -2.48 -6.46
CA GLU C 138 2.43 -1.56 -7.32
C GLU C 138 3.49 -2.31 -8.12
N ASN C 139 3.75 -3.58 -7.80
CA ASN C 139 4.75 -4.37 -8.52
C ASN C 139 4.10 -5.18 -9.65
N ILE C 140 2.87 -4.84 -10.02
CA ILE C 140 2.13 -5.49 -11.10
C ILE C 140 2.48 -4.73 -12.38
N LEU C 141 3.18 -5.35 -13.32
CA LEU C 141 3.57 -4.69 -14.57
C LEU C 141 2.84 -5.24 -15.79
N ASN C 142 2.28 -4.38 -16.61
CA ASN C 142 1.57 -4.75 -17.85
C ASN C 142 2.67 -4.69 -18.90
N ILE C 143 3.12 -5.86 -19.41
CA ILE C 143 4.31 -5.83 -20.22
C ILE C 143 4.17 -6.18 -21.69
N LEU C 144 2.99 -6.54 -22.19
CA LEU C 144 2.87 -6.93 -23.59
C LEU C 144 3.33 -5.85 -24.56
N ALA C 145 3.06 -4.59 -24.25
CA ALA C 145 3.49 -3.52 -25.18
C ALA C 145 4.98 -3.47 -25.41
N THR C 146 5.81 -3.96 -24.48
CA THR C 146 7.25 -3.95 -24.57
C THR C 146 7.80 -5.26 -25.18
N ASP C 147 6.92 -6.11 -25.68
CA ASP C 147 7.39 -7.37 -26.29
C ASP C 147 7.86 -7.09 -27.70
N THR C 148 9.14 -6.77 -27.85
CA THR C 148 9.77 -6.44 -29.11
C THR C 148 10.48 -7.64 -29.72
N CYS C 149 10.19 -8.85 -29.19
CA CYS C 149 10.84 -10.05 -29.74
C CYS C 149 10.05 -10.61 -30.88
N PRO C 150 10.66 -11.44 -31.73
CA PRO C 150 9.93 -11.95 -32.89
C PRO C 150 8.67 -12.69 -32.53
N GLU C 151 7.63 -12.52 -33.33
CA GLU C 151 6.35 -13.21 -33.18
C GLU C 151 6.57 -14.71 -33.07
N PHE D 3 19.59 -4.79 3.18
CA PHE D 3 19.32 -3.94 1.99
C PHE D 3 19.99 -4.50 0.75
N ALA D 4 19.26 -5.30 -0.04
CA ALA D 4 19.78 -5.91 -1.25
C ALA D 4 18.83 -5.79 -2.44
N GLU D 5 18.12 -4.68 -2.49
CA GLU D 5 17.24 -4.37 -3.65
C GLU D 5 17.98 -3.19 -4.35
N LEU D 6 18.92 -2.67 -3.56
CA LEU D 6 19.88 -1.54 -3.76
C LEU D 6 20.65 -1.72 -5.06
N GLN D 7 20.98 -3.02 -5.45
CA GLN D 7 21.84 -3.25 -6.61
C GLN D 7 21.17 -2.77 -7.89
N GLY D 8 21.91 -2.13 -8.80
CA GLY D 8 21.29 -1.69 -10.04
C GLY D 8 21.79 -0.28 -10.44
N LYS D 9 21.16 0.28 -11.45
CA LYS D 9 21.55 1.59 -11.95
C LYS D 9 20.94 2.67 -11.06
N TRP D 10 21.76 3.68 -10.73
CA TRP D 10 21.32 4.78 -9.89
C TRP D 10 22.05 6.06 -10.34
N TYR D 11 21.36 7.18 -10.17
CA TYR D 11 21.94 8.49 -10.49
C TYR D 11 21.83 9.36 -9.24
N THR D 12 22.68 10.37 -9.14
CA THR D 12 22.56 11.28 -8.00
C THR D 12 21.49 12.34 -8.35
N ILE D 13 20.48 12.46 -7.51
CA ILE D 13 19.42 13.43 -7.75
C ILE D 13 19.73 14.71 -6.97
N VAL D 14 20.00 14.55 -5.69
CA VAL D 14 20.27 15.65 -4.77
C VAL D 14 21.35 15.29 -3.78
N ILE D 15 22.17 16.29 -3.40
CA ILE D 15 23.16 16.11 -2.35
C ILE D 15 23.02 17.32 -1.39
N ALA D 16 23.06 17.08 -0.11
CA ALA D 16 23.00 18.17 0.88
C ALA D 16 24.16 17.96 1.83
N ALA D 17 24.81 19.05 2.26
CA ALA D 17 25.95 18.86 3.16
C ALA D 17 26.10 20.07 4.09
N ASP D 18 26.62 19.84 5.29
CA ASP D 18 26.81 20.99 6.20
C ASP D 18 27.97 21.86 5.72
N ASN D 19 28.96 21.37 5.04
CA ASN D 19 30.08 22.09 4.46
C ASN D 19 29.85 22.18 2.96
N LEU D 20 29.17 23.28 2.56
CA LEU D 20 28.71 23.46 1.20
C LEU D 20 29.73 23.34 0.12
N GLU D 21 30.95 23.85 0.36
CA GLU D 21 31.99 23.81 -0.65
C GLU D 21 32.36 22.41 -1.08
N LYS D 22 32.16 21.42 -0.19
CA LYS D 22 32.48 20.05 -0.51
C LYS D 22 31.62 19.51 -1.64
N ILE D 23 30.40 20.02 -1.80
CA ILE D 23 29.48 19.49 -2.81
C ILE D 23 29.15 20.42 -3.95
N GLU D 24 29.69 21.66 -3.89
CA GLU D 24 29.47 22.55 -5.04
C GLU D 24 30.33 22.08 -6.22
N GLU D 25 30.10 22.67 -7.39
CA GLU D 25 30.89 22.35 -8.58
C GLU D 25 32.36 22.37 -8.23
N GLY D 26 33.12 21.33 -8.61
CA GLY D 26 34.55 21.32 -8.29
C GLY D 26 34.87 20.76 -6.93
N GLY D 27 33.86 20.54 -6.08
CA GLY D 27 34.11 20.02 -4.73
C GLY D 27 34.39 18.52 -4.80
N PRO D 28 35.14 18.02 -3.84
CA PRO D 28 35.56 16.62 -3.87
C PRO D 28 34.45 15.62 -3.60
N LEU D 29 33.33 16.06 -3.04
CA LEU D 29 32.24 15.13 -2.71
C LEU D 29 31.00 15.32 -3.57
N ARG D 30 31.16 16.03 -4.70
CA ARG D 30 30.02 16.17 -5.61
C ARG D 30 30.07 14.98 -6.58
N PHE D 31 29.40 13.88 -6.21
CA PHE D 31 29.53 12.71 -7.11
C PHE D 31 28.19 12.40 -7.76
N TYR D 32 28.38 11.87 -8.96
CA TYR D 32 27.32 11.49 -9.87
C TYR D 32 27.28 9.97 -9.94
N PHE D 33 26.33 9.41 -9.20
CA PHE D 33 26.22 7.94 -9.21
C PHE D 33 25.94 7.38 -10.59
N ARG D 34 26.35 6.12 -10.78
CA ARG D 34 26.06 5.35 -11.95
C ARG D 34 25.52 3.96 -11.60
N HIS D 35 26.08 3.30 -10.58
CA HIS D 35 25.58 1.91 -10.35
C HIS D 35 26.02 1.44 -8.98
N ILE D 36 25.28 0.50 -8.40
CA ILE D 36 25.62 -0.09 -7.13
C ILE D 36 25.63 -1.64 -7.37
N ASP D 37 26.71 -2.27 -6.99
CA ASP D 37 26.80 -3.75 -7.14
C ASP D 37 27.00 -4.31 -5.73
N CYS D 38 26.20 -5.31 -5.36
CA CYS D 38 26.34 -5.88 -4.02
C CYS D 38 27.08 -7.23 -4.04
N TYR D 39 27.94 -7.46 -3.09
CA TYR D 39 28.65 -8.74 -2.93
C TYR D 39 28.43 -9.25 -1.50
N LYS D 40 28.39 -10.56 -1.36
CA LYS D 40 28.29 -11.23 -0.06
C LYS D 40 27.07 -10.68 0.72
N ASN D 41 25.89 -10.82 0.11
CA ASN D 41 24.64 -10.39 0.75
C ASN D 41 24.71 -8.92 1.13
N CYS D 42 25.23 -8.10 0.27
CA CYS D 42 25.49 -6.70 0.30
C CYS D 42 26.32 -6.23 1.47
N SER D 43 27.17 -7.11 2.01
CA SER D 43 28.13 -6.79 3.04
C SER D 43 29.30 -6.03 2.38
N GLU D 44 29.44 -6.16 1.07
CA GLU D 44 30.39 -5.37 0.29
C GLU D 44 29.53 -4.61 -0.73
N MSE D 45 29.50 -3.29 -0.75
CA MSE D 45 28.70 -2.52 -1.68
C MSE D 45 29.69 -1.75 -2.60
O MSE D 45 30.41 -0.89 -2.07
CB MSE D 45 27.75 -1.51 -1.01
CG MSE D 45 26.76 -0.76 -1.85
SE MSE D 45 25.72 0.54 -1.07
CE MSE D 45 25.19 -0.34 0.38
N GLU D 46 29.74 -2.11 -3.85
CA GLU D 46 30.65 -1.43 -4.82
C GLU D 46 29.80 -0.33 -5.47
N ILE D 47 30.28 0.92 -5.41
CA ILE D 47 29.54 2.03 -5.99
C ILE D 47 30.40 2.60 -7.14
N THR D 48 29.80 2.73 -8.31
CA THR D 48 30.52 3.32 -9.47
C THR D 48 29.90 4.71 -9.65
N PHE D 49 30.78 5.71 -9.80
CA PHE D 49 30.24 7.06 -9.97
C PHE D 49 31.28 7.91 -10.68
N TYR D 50 30.81 9.08 -11.12
CA TYR D 50 31.77 10.04 -11.69
C TYR D 50 32.02 11.24 -10.76
N VAL D 51 33.23 11.76 -10.82
CA VAL D 51 33.54 13.04 -10.19
C VAL D 51 34.22 13.89 -11.29
N ILE D 52 34.14 15.21 -11.18
CA ILE D 52 34.94 16.00 -12.14
C ILE D 52 36.28 16.28 -11.48
N THR D 53 37.38 15.93 -12.08
CA THR D 53 38.72 16.14 -11.53
C THR D 53 39.57 16.74 -12.65
N ASN D 54 40.26 17.85 -12.34
CA ASN D 54 41.09 18.51 -13.35
C ASN D 54 40.24 18.82 -14.59
N ASN D 55 39.03 19.29 -14.37
CA ASN D 55 38.04 19.65 -15.34
C ASN D 55 37.67 18.54 -16.30
N GLN D 56 37.79 17.26 -15.90
CA GLN D 56 37.43 16.17 -16.77
C GLN D 56 36.60 15.14 -15.98
N CYS D 57 35.67 14.49 -16.64
CA CYS D 57 34.89 13.41 -15.99
C CYS D 57 35.86 12.28 -15.62
N SER D 58 35.74 11.78 -14.40
CA SER D 58 36.66 10.72 -13.96
C SER D 58 35.83 9.59 -13.33
N LYS D 59 35.71 8.49 -14.06
CA LYS D 59 34.90 7.35 -13.54
C LYS D 59 35.67 6.76 -12.37
N THR D 60 34.96 6.51 -11.28
CA THR D 60 35.56 6.04 -10.03
C THR D 60 34.72 4.90 -9.43
N THR D 61 35.41 4.02 -8.71
CA THR D 61 34.64 3.03 -7.93
C THR D 61 35.15 3.07 -6.48
N VAL D 62 34.26 2.78 -5.54
CA VAL D 62 34.61 2.66 -4.13
C VAL D 62 33.90 1.39 -3.62
N ILE D 63 34.42 0.80 -2.54
CA ILE D 63 33.71 -0.37 -1.96
C ILE D 63 33.36 -0.03 -0.51
N GLY D 64 32.09 -0.12 -0.16
CA GLY D 64 31.75 0.09 1.28
C GLY D 64 31.68 -1.29 1.96
N TYR D 65 32.18 -1.33 3.18
CA TYR D 65 32.19 -2.60 3.95
C TYR D 65 31.24 -2.46 5.12
N LEU D 66 30.28 -3.34 5.21
CA LEU D 66 29.24 -3.29 6.24
C LEU D 66 29.74 -3.74 7.59
N LYS D 67 29.43 -2.96 8.63
CA LYS D 67 29.88 -3.28 9.99
C LYS D 67 28.70 -3.69 10.85
N GLY D 68 28.99 -4.21 12.07
CA GLY D 68 27.90 -4.68 12.94
C GLY D 68 26.89 -3.61 13.29
N ASN D 69 27.32 -2.32 13.32
CA ASN D 69 26.43 -1.22 13.65
C ASN D 69 25.52 -0.80 12.53
N GLY D 70 25.58 -1.48 11.39
CA GLY D 70 24.72 -1.26 10.26
C GLY D 70 25.20 -0.19 9.29
N THR D 71 26.35 0.40 9.56
CA THR D 71 26.96 1.37 8.68
C THR D 71 27.98 0.68 7.75
N TYR D 72 28.22 1.36 6.64
CA TYR D 72 29.24 0.97 5.69
C TYR D 72 30.43 1.92 5.83
N GLU D 73 31.65 1.39 5.80
CA GLU D 73 32.85 2.22 5.81
C GLU D 73 33.54 2.16 4.46
N THR D 74 33.99 3.30 3.92
CA THR D 74 34.73 3.28 2.67
C THR D 74 35.73 4.43 2.63
N GLN D 75 36.85 4.17 1.95
CA GLN D 75 37.87 5.20 1.78
C GLN D 75 37.63 5.94 0.46
N PHE D 76 37.47 7.25 0.52
CA PHE D 76 37.31 8.09 -0.66
C PHE D 76 37.38 9.55 -0.21
N GLU D 77 38.40 10.29 -0.65
CA GLU D 77 38.53 11.68 -0.21
C GLU D 77 38.44 11.76 1.32
N GLY D 78 39.12 10.79 1.93
CA GLY D 78 39.15 10.61 3.36
C GLY D 78 38.38 9.33 3.77
N ASN D 79 37.98 9.34 5.01
CA ASN D 79 37.23 8.19 5.58
C ASN D 79 35.75 8.47 5.56
N ASN D 80 34.93 7.53 5.09
CA ASN D 80 33.48 7.77 5.06
C ASN D 80 32.72 6.69 5.84
N ILE D 81 31.65 7.11 6.51
CA ILE D 81 30.75 6.20 7.21
C ILE D 81 29.35 6.52 6.68
N PHE D 82 28.74 5.62 5.93
CA PHE D 82 27.46 5.84 5.30
C PHE D 82 26.47 4.73 5.55
N GLN D 83 25.20 5.08 5.35
CA GLN D 83 24.12 4.09 5.55
C GLN D 83 22.88 4.53 4.81
N PRO D 84 22.17 3.60 4.18
CA PRO D 84 20.89 3.91 3.57
C PRO D 84 19.94 4.28 4.71
N LEU D 85 19.22 5.37 4.63
CA LEU D 85 18.29 5.78 5.70
C LEU D 85 16.85 5.36 5.32
N TYR D 86 16.57 5.40 4.04
CA TYR D 86 15.23 5.11 3.53
C TYR D 86 15.38 4.63 2.09
N ILE D 87 14.72 3.51 1.78
CA ILE D 87 14.86 2.89 0.47
C ILE D 87 13.49 2.63 -0.16
N THR D 88 13.31 3.05 -1.40
CA THR D 88 12.08 2.79 -2.14
C THR D 88 12.50 2.11 -3.44
N SER D 89 11.55 1.69 -4.28
CA SER D 89 11.95 1.09 -5.55
C SER D 89 12.66 2.07 -6.45
N ASP D 90 12.42 3.42 -6.29
CA ASP D 90 13.02 4.33 -7.28
C ASP D 90 13.98 5.29 -6.59
N LYS D 91 14.12 5.28 -5.26
CA LYS D 91 15.05 6.21 -4.60
C LYS D 91 15.72 5.63 -3.38
N ILE D 92 16.97 6.06 -3.15
CA ILE D 92 17.66 5.64 -1.93
C ILE D 92 18.13 6.92 -1.22
N PHE D 93 17.73 7.14 0.01
CA PHE D 93 18.23 8.28 0.78
C PHE D 93 19.38 7.77 1.62
N PHE D 94 20.59 8.30 1.42
CA PHE D 94 21.73 7.88 2.21
C PHE D 94 22.23 9.01 3.12
N THR D 95 22.76 8.62 4.26
CA THR D 95 23.50 9.58 5.10
C THR D 95 24.98 9.19 4.99
N ASN D 96 25.87 10.17 4.98
CA ASN D 96 27.29 9.95 4.96
C ASN D 96 28.01 10.95 5.86
N LYS D 97 28.98 10.46 6.58
CA LYS D 97 29.94 11.31 7.29
C LYS D 97 31.32 11.16 6.70
N ASN D 98 31.85 12.25 6.16
CA ASN D 98 33.20 12.19 5.57
C ASN D 98 34.20 12.88 6.49
N MSE D 99 35.33 12.24 6.75
CA MSE D 99 36.43 12.87 7.53
C MSE D 99 37.57 12.99 6.53
O MSE D 99 38.17 12.00 6.10
CB MSE D 99 36.82 12.05 8.74
CG MSE D 99 38.03 12.60 9.51
SE MSE D 99 38.48 11.56 10.92
CE MSE D 99 36.85 11.11 11.55
N ASP D 100 37.87 14.22 6.10
CA ASP D 100 38.90 14.38 5.07
C ASP D 100 40.32 14.25 5.64
N ARG D 101 41.32 14.34 4.77
CA ARG D 101 42.72 14.19 5.19
C ARG D 101 43.22 15.26 6.14
N ALA D 102 42.58 16.41 6.25
CA ALA D 102 42.96 17.47 7.17
C ALA D 102 42.20 17.33 8.48
N GLY D 103 41.20 16.43 8.52
CA GLY D 103 40.42 16.23 9.74
C GLY D 103 39.08 16.96 9.75
N GLN D 104 38.76 17.65 8.66
CA GLN D 104 37.50 18.34 8.54
C GLN D 104 36.37 17.28 8.35
N GLU D 105 35.36 17.35 9.18
CA GLU D 105 34.25 16.39 9.10
C GLU D 105 33.06 17.03 8.40
N THR D 106 32.45 16.32 7.44
CA THR D 106 31.31 16.80 6.72
C THR D 106 30.15 15.79 6.84
N ASN D 107 28.98 16.28 7.18
CA ASN D 107 27.77 15.46 7.26
C ASN D 107 26.99 15.70 5.97
N MSE D 108 26.47 14.62 5.38
CA MSE D 108 25.85 14.78 4.08
C MSE D 108 24.66 13.82 3.96
O MSE D 108 24.58 12.84 4.67
CB MSE D 108 26.82 14.60 2.92
CG MSE D 108 27.79 13.50 2.77
SE MSE D 108 29.18 13.72 1.61
CE MSE D 108 28.27 13.87 0.06
N ILE D 109 23.78 14.22 3.06
CA ILE D 109 22.63 13.39 2.68
C ILE D 109 22.71 13.31 1.16
N VAL D 110 22.59 12.08 0.63
CA VAL D 110 22.67 11.87 -0.79
C VAL D 110 21.37 11.14 -1.19
N VAL D 111 20.69 11.70 -2.17
CA VAL D 111 19.49 10.97 -2.62
C VAL D 111 19.79 10.44 -4.02
N ALA D 112 19.83 9.12 -4.13
CA ALA D 112 20.06 8.45 -5.40
C ALA D 112 18.68 8.09 -5.97
N GLY D 113 18.59 8.09 -7.30
CA GLY D 113 17.32 7.76 -7.94
C GLY D 113 17.48 7.19 -9.32
N LYS D 114 16.35 6.71 -9.88
CA LYS D 114 16.37 6.17 -11.23
C LYS D 114 16.36 7.26 -12.28
N GLY D 115 16.14 8.52 -11.91
CA GLY D 115 16.19 9.61 -12.88
C GLY D 115 15.21 10.73 -12.64
N ASN D 116 14.01 10.43 -12.18
CA ASN D 116 13.00 11.46 -11.93
C ASN D 116 13.40 12.37 -10.78
N ALA D 117 12.93 13.62 -10.85
CA ALA D 117 13.18 14.57 -9.75
C ALA D 117 12.36 14.06 -8.56
N LEU D 118 12.59 14.60 -7.38
CA LEU D 118 11.87 14.17 -6.19
C LEU D 118 10.42 14.71 -6.23
N THR D 119 9.51 13.95 -5.67
CA THR D 119 8.11 14.43 -5.55
C THR D 119 8.07 15.32 -4.33
N PRO D 120 6.97 16.04 -4.09
CA PRO D 120 6.87 16.92 -2.94
C PRO D 120 7.03 16.15 -1.65
N GLU D 121 6.47 14.95 -1.53
CA GLU D 121 6.63 14.16 -0.31
C GLU D 121 8.08 13.68 -0.15
N GLU D 122 8.73 13.33 -1.25
CA GLU D 122 10.14 12.90 -1.15
C GLU D 122 10.99 14.08 -0.73
N ASN D 123 10.65 15.26 -1.29
CA ASN D 123 11.36 16.47 -0.85
C ASN D 123 11.13 16.70 0.64
N GLU D 124 9.93 16.41 1.14
CA GLU D 124 9.70 16.59 2.58
C GLU D 124 10.55 15.60 3.39
N ILE D 125 10.63 14.36 2.93
CA ILE D 125 11.48 13.40 3.66
C ILE D 125 12.92 13.93 3.67
N LEU D 126 13.40 14.46 2.53
CA LEU D 126 14.77 15.02 2.50
C LEU D 126 14.93 16.14 3.51
N VAL D 127 13.98 17.08 3.56
CA VAL D 127 14.04 18.19 4.53
C VAL D 127 14.09 17.69 5.94
N GLN D 128 13.29 16.65 6.24
CA GLN D 128 13.29 16.09 7.60
C GLN D 128 14.67 15.50 7.93
N PHE D 129 15.28 14.78 6.98
CA PHE D 129 16.61 14.22 7.23
C PHE D 129 17.62 15.37 7.41
N ALA D 130 17.49 16.40 6.57
CA ALA D 130 18.39 17.55 6.72
C ALA D 130 18.29 18.12 8.14
N HIS D 131 17.08 18.35 8.65
CA HIS D 131 16.93 18.83 10.01
C HIS D 131 17.55 17.87 11.00
N GLU D 132 17.32 16.58 10.87
CA GLU D 132 17.83 15.56 11.80
C GLU D 132 19.36 15.60 11.84
N LYS D 133 20.02 15.79 10.68
CA LYS D 133 21.49 15.69 10.60
C LYS D 133 22.12 17.08 10.72
N LYS D 134 21.28 18.09 10.91
CA LYS D 134 21.75 19.42 11.23
C LYS D 134 22.46 20.03 9.99
N ILE D 135 21.83 19.86 8.82
CA ILE D 135 22.27 20.37 7.55
C ILE D 135 21.29 21.44 7.10
N PRO D 136 21.75 22.68 6.96
CA PRO D 136 20.89 23.74 6.50
C PRO D 136 20.13 23.40 5.24
N VAL D 137 18.84 23.70 5.18
CA VAL D 137 18.03 23.48 3.99
C VAL D 137 18.56 24.20 2.77
N GLU D 138 19.26 25.34 2.94
CA GLU D 138 19.80 26.12 1.81
C GLU D 138 21.06 25.41 1.26
N ASN D 139 21.50 24.33 1.88
CA ASN D 139 22.64 23.53 1.45
C ASN D 139 22.19 22.28 0.68
N ILE D 140 20.93 22.22 0.29
CA ILE D 140 20.41 21.12 -0.53
C ILE D 140 20.59 21.49 -1.99
N LEU D 141 21.41 20.72 -2.71
CA LEU D 141 21.72 20.99 -4.10
C LEU D 141 21.14 19.98 -5.08
N ASN D 142 20.58 20.54 -6.16
CA ASN D 142 20.06 19.69 -7.26
C ASN D 142 21.25 19.34 -8.13
N ILE D 143 21.60 18.06 -8.15
CA ILE D 143 22.78 17.54 -8.86
C ILE D 143 22.44 17.06 -10.26
N LEU D 144 21.24 16.50 -10.42
CA LEU D 144 20.85 15.95 -11.70
C LEU D 144 20.99 16.91 -12.87
N ALA D 145 20.72 18.18 -12.68
CA ALA D 145 20.82 19.21 -13.70
C ALA D 145 22.21 19.42 -14.26
N THR D 146 23.24 19.02 -13.53
CA THR D 146 24.62 19.20 -13.95
C THR D 146 25.31 17.86 -14.16
N ASP D 147 24.53 16.78 -14.28
CA ASP D 147 25.18 15.47 -14.51
C ASP D 147 25.48 15.34 -16.00
N THR D 148 26.70 15.75 -16.41
CA THR D 148 27.08 15.74 -17.81
C THR D 148 28.09 14.70 -18.22
N CYS D 149 28.44 13.75 -17.32
CA CYS D 149 29.40 12.72 -17.70
C CYS D 149 28.75 11.59 -18.47
N PRO D 150 29.56 10.73 -19.07
CA PRO D 150 29.02 9.64 -19.88
C PRO D 150 28.12 8.75 -19.05
N GLU D 151 27.11 8.18 -19.71
CA GLU D 151 26.21 7.25 -19.04
C GLU D 151 27.03 6.06 -18.57
#